data_3N1F
#
_entry.id   3N1F
#
_cell.length_a   71.758
_cell.length_b   98.198
_cell.length_c   144.105
_cell.angle_alpha   90.00
_cell.angle_beta   90.00
_cell.angle_gamma   90.00
#
_symmetry.space_group_name_H-M   'C 2 2 21'
#
loop_
_entity.id
_entity.type
_entity.pdbx_description
1 polymer 'Indian hedgehog protein'
2 polymer 'Cell adhesion molecule-related/down-regulated by oncogenes'
3 non-polymer 'ZINC ION'
4 non-polymer 'CALCIUM ION'
5 water water
#
loop_
_entity_poly.entity_id
_entity_poly.type
_entity_poly.pdbx_seq_one_letter_code
_entity_poly.pdbx_strand_id
1 'polypeptide(L)'
;GSGPGPGRVVGSRRRPPRKLVPLAYKQFSPNVPEKTLGASGRYEGKIARSSERFKELTPNYNPDIIFKDEENTGADRLMT
QRCKDRLNSLAISVMNQWPGVKLRVTEGWDEDGHHSEESLHYEGRAVDITTSDRDRNKYGLLARLAVEAGFDWVYYESKA
HVHCSVKSE
;
A,B
2 'polypeptide(L)'
;GSTPITGPHIAYTEAVSDTQIMLKWTYIPSSNNNTPIQGFYIYYRPTDSDNDSDYKRDVVEGSKQWHMIGHLQPETSYDI
KMQCFNEGGESEFSNVMICETK
;
C,D
#
# COMPACT_ATOMS: atom_id res chain seq x y z
N LYS A 19 32.89 -10.92 -17.50
CA LYS A 19 32.19 -10.65 -18.74
C LYS A 19 31.15 -9.55 -18.58
N LEU A 20 30.72 -9.30 -17.34
CA LEU A 20 29.67 -8.32 -17.07
C LEU A 20 30.25 -6.93 -16.85
N VAL A 21 30.05 -6.04 -17.80
CA VAL A 21 30.59 -4.69 -17.70
C VAL A 21 29.45 -3.73 -17.35
N PRO A 22 29.55 -3.03 -16.22
CA PRO A 22 28.43 -2.15 -15.89
C PRO A 22 28.23 -1.08 -16.95
N LEU A 23 27.00 -0.61 -17.07
CA LEU A 23 26.76 0.58 -17.83
C LEU A 23 27.15 1.80 -16.99
N ALA A 24 27.59 2.82 -17.70
CA ALA A 24 27.84 4.12 -17.11
C ALA A 24 26.55 4.93 -17.03
N TYR A 25 26.54 5.91 -16.11
CA TYR A 25 25.44 6.82 -16.02
C TYR A 25 25.13 7.44 -17.37
N LYS A 26 23.85 7.38 -17.74
CA LYS A 26 23.32 7.89 -19.02
C LYS A 26 23.51 7.02 -20.25
N GLN A 27 24.27 5.94 -20.11
CA GLN A 27 24.45 4.98 -21.19
C GLN A 27 23.15 4.21 -21.40
N PHE A 28 22.87 3.89 -22.66
CA PHE A 28 21.79 2.97 -23.02
C PHE A 28 22.32 1.90 -23.99
N SER A 29 21.72 0.73 -23.92
CA SER A 29 22.18 -0.43 -24.67
C SER A 29 20.97 -1.21 -25.16
N PRO A 30 20.93 -1.57 -26.44
CA PRO A 30 21.92 -1.15 -27.44
C PRO A 30 21.96 0.37 -27.59
N ASN A 31 23.07 0.88 -28.13
CA ASN A 31 23.27 2.34 -28.13
C ASN A 31 22.65 2.96 -29.39
N VAL A 32 21.32 2.86 -29.43
CA VAL A 32 20.45 3.39 -30.48
C VAL A 32 19.18 3.90 -29.81
N PRO A 33 18.35 4.64 -30.53
CA PRO A 33 17.13 5.13 -29.89
C PRO A 33 16.20 3.98 -29.46
N GLU A 34 15.59 4.11 -28.27
CA GLU A 34 14.69 3.10 -27.72
C GLU A 34 13.65 2.60 -28.73
N LYS A 35 13.07 3.52 -29.50
CA LYS A 35 11.95 3.18 -30.33
C LYS A 35 12.31 2.79 -31.77
N THR A 36 13.60 2.52 -32.01
CA THR A 36 14.03 1.87 -33.26
C THR A 36 13.82 0.34 -33.25
N LEU A 37 13.84 -0.24 -34.45
CA LEU A 37 13.54 -1.67 -34.62
C LEU A 37 14.49 -2.58 -33.87
N GLY A 38 15.74 -2.17 -33.77
CA GLY A 38 16.76 -3.00 -33.16
C GLY A 38 16.68 -3.00 -31.65
N ALA A 39 15.85 -2.11 -31.13
CA ALA A 39 15.73 -1.92 -29.70
C ALA A 39 14.30 -2.34 -29.35
N SER A 40 13.51 -1.45 -28.78
CA SER A 40 12.15 -1.83 -28.35
C SER A 40 11.05 -1.53 -29.36
N GLY A 41 11.36 -0.84 -30.44
CA GLY A 41 10.38 -0.51 -31.43
C GLY A 41 9.38 0.58 -31.04
N ARG A 42 8.43 0.84 -31.95
CA ARG A 42 7.59 2.01 -31.84
C ARG A 42 6.54 1.90 -30.77
N TYR A 43 6.14 3.07 -30.27
CA TYR A 43 4.99 3.28 -29.42
C TYR A 43 3.75 2.97 -30.21
N GLU A 44 2.89 2.16 -29.63
CA GLU A 44 1.66 1.72 -30.29
C GLU A 44 0.41 2.35 -29.68
N GLY A 45 0.58 3.19 -28.66
CA GLY A 45 -0.53 3.91 -28.07
C GLY A 45 -0.69 3.64 -26.59
N LYS A 46 -1.16 4.66 -25.86
CA LYS A 46 -1.34 4.55 -24.42
C LYS A 46 -2.41 3.51 -24.11
N ILE A 47 -2.19 2.70 -23.08
CA ILE A 47 -3.17 1.76 -22.63
C ILE A 47 -3.81 2.29 -21.33
N ALA A 48 -5.07 2.66 -21.41
CA ALA A 48 -5.78 3.07 -20.21
C ALA A 48 -6.52 1.90 -19.53
N ARG A 49 -6.76 2.08 -18.24
CA ARG A 49 -7.36 1.05 -17.38
C ARG A 49 -8.69 0.49 -17.91
N SER A 50 -9.50 1.32 -18.54
CA SER A 50 -10.81 0.87 -19.01
C SER A 50 -10.82 0.41 -20.46
N SER A 51 -9.66 0.45 -21.11
CA SER A 51 -9.60 0.22 -22.54
C SER A 51 -9.61 -1.27 -22.86
N GLU A 52 -9.95 -1.58 -24.10
CA GLU A 52 -9.97 -2.97 -24.53
C GLU A 52 -8.56 -3.51 -24.43
N ARG A 53 -7.58 -2.67 -24.67
CA ARG A 53 -6.22 -3.13 -24.65
C ARG A 53 -5.66 -3.42 -23.24
N PHE A 54 -6.35 -2.99 -22.19
CA PHE A 54 -5.88 -3.22 -20.83
C PHE A 54 -5.73 -4.70 -20.54
N LYS A 55 -6.48 -5.53 -21.28
CA LYS A 55 -6.53 -6.96 -21.02
C LYS A 55 -5.22 -7.68 -21.35
N GLU A 56 -4.36 -7.04 -22.14
CA GLU A 56 -3.12 -7.69 -22.53
C GLU A 56 -2.03 -7.44 -21.48
N LEU A 57 -2.38 -6.73 -20.41
CA LEU A 57 -1.47 -6.58 -19.30
C LEU A 57 -1.89 -7.56 -18.23
N THR A 58 -0.93 -8.21 -17.58
CA THR A 58 -1.26 -9.03 -16.43
C THR A 58 -0.32 -8.69 -15.31
N PRO A 59 -0.80 -8.86 -14.06
CA PRO A 59 0.01 -8.54 -12.89
C PRO A 59 1.06 -9.57 -12.60
N ASN A 60 2.25 -9.08 -12.37
CA ASN A 60 3.37 -9.90 -11.95
C ASN A 60 3.36 -9.98 -10.42
N TYR A 61 3.16 -11.21 -9.93
CA TYR A 61 3.12 -11.46 -8.47
C TYR A 61 4.30 -12.30 -8.02
N ASN A 62 5.41 -12.23 -8.76
CA ASN A 62 6.64 -12.92 -8.41
C ASN A 62 7.14 -12.46 -7.06
N PRO A 63 7.35 -13.42 -6.13
CA PRO A 63 7.87 -13.04 -4.81
C PRO A 63 9.29 -12.57 -4.80
N ASP A 64 10.02 -12.84 -5.89
CA ASP A 64 11.43 -12.46 -6.03
C ASP A 64 11.53 -10.94 -6.32
N ILE A 65 10.42 -10.24 -6.50
CA ILE A 65 10.45 -8.84 -6.95
C ILE A 65 9.66 -7.98 -5.96
N ILE A 66 10.22 -6.83 -5.57
CA ILE A 66 9.54 -5.84 -4.74
C ILE A 66 8.92 -4.80 -5.65
N PHE A 67 7.64 -4.51 -5.45
CA PHE A 67 6.99 -3.46 -6.23
C PHE A 67 6.70 -2.26 -5.36
N LYS A 68 7.20 -1.08 -5.76
CA LYS A 68 7.06 0.11 -4.91
C LYS A 68 5.60 0.44 -4.59
N ASP A 69 4.77 0.43 -5.62
CA ASP A 69 3.33 0.70 -5.51
C ASP A 69 2.97 1.88 -4.63
N GLU A 70 3.65 3.00 -4.84
CA GLU A 70 3.27 4.23 -4.18
C GLU A 70 1.86 4.69 -4.58
N GLU A 71 1.38 4.20 -5.69
CA GLU A 71 0.03 4.47 -6.16
C GLU A 71 -1.04 3.81 -5.32
N ASN A 72 -0.66 2.72 -4.67
CA ASN A 72 -1.61 1.88 -3.91
C ASN A 72 -2.73 1.39 -4.83
N THR A 73 -2.35 1.01 -6.05
CA THR A 73 -3.29 0.45 -7.03
C THR A 73 -2.84 -0.87 -7.63
N GLY A 74 -1.59 -1.23 -7.40
CA GLY A 74 -1.02 -2.41 -8.05
C GLY A 74 -0.55 -2.18 -9.50
N ALA A 75 -0.59 -0.92 -9.98
CA ALA A 75 -0.23 -0.60 -11.35
C ALA A 75 1.17 -1.08 -11.72
N ASP A 76 2.10 -0.96 -10.78
CA ASP A 76 3.48 -1.32 -11.03
C ASP A 76 3.68 -2.78 -11.42
N ARG A 77 2.78 -3.64 -10.96
CA ARG A 77 2.82 -5.05 -11.33
C ARG A 77 2.38 -5.33 -12.75
N LEU A 78 1.70 -4.39 -13.41
CA LEU A 78 1.06 -4.68 -14.70
C LEU A 78 2.07 -4.45 -15.80
N MET A 79 2.13 -5.41 -16.72
CA MET A 79 3.11 -5.40 -17.78
C MET A 79 2.77 -6.45 -18.79
N THR A 80 3.39 -6.34 -19.96
CA THR A 80 3.18 -7.34 -20.99
C THR A 80 3.91 -8.63 -20.65
N GLN A 81 3.59 -9.68 -21.40
CA GLN A 81 4.19 -10.96 -21.15
C GLN A 81 5.69 -10.93 -21.39
N ARG A 82 6.14 -10.24 -22.43
CA ARG A 82 7.56 -10.20 -22.75
C ARG A 82 8.26 -9.47 -21.62
N CYS A 83 7.63 -8.42 -21.10
CA CYS A 83 8.23 -7.66 -20.02
C CYS A 83 8.33 -8.51 -18.75
N LYS A 84 7.25 -9.23 -18.44
CA LYS A 84 7.25 -10.10 -17.27
C LYS A 84 8.37 -11.15 -17.34
N ASP A 85 8.49 -11.81 -18.48
CA ASP A 85 9.54 -12.84 -18.66
C ASP A 85 10.95 -12.29 -18.45
N ARG A 86 11.24 -11.12 -19.04
CA ARG A 86 12.57 -10.53 -18.89
C ARG A 86 12.76 -10.08 -17.44
N LEU A 87 11.72 -9.52 -16.82
CA LEU A 87 11.81 -9.04 -15.46
C LEU A 87 12.06 -10.21 -14.48
N ASN A 88 11.41 -11.35 -14.75
CA ASN A 88 11.55 -12.49 -13.84
C ASN A 88 12.95 -13.05 -13.95
N SER A 89 13.50 -13.08 -15.16
CA SER A 89 14.91 -13.50 -15.32
C SER A 89 15.85 -12.56 -14.58
N LEU A 90 15.61 -11.25 -14.72
CA LEU A 90 16.46 -10.30 -14.03
C LEU A 90 16.38 -10.46 -12.49
N ALA A 91 15.19 -10.80 -11.98
CA ALA A 91 15.04 -10.97 -10.55
C ALA A 91 16.00 -12.03 -10.04
N ILE A 92 16.12 -13.08 -10.81
CA ILE A 92 17.03 -14.15 -10.48
C ILE A 92 18.47 -13.68 -10.48
N SER A 93 18.88 -12.96 -11.52
CA SER A 93 20.27 -12.62 -11.61
C SER A 93 20.65 -11.59 -10.56
N VAL A 94 19.70 -10.76 -10.12
CA VAL A 94 19.99 -9.80 -9.04
C VAL A 94 20.28 -10.57 -7.76
N MET A 95 19.45 -11.56 -7.48
CA MET A 95 19.64 -12.34 -6.25
C MET A 95 20.95 -13.12 -6.31
N ASN A 96 21.30 -13.62 -7.48
CA ASN A 96 22.59 -14.30 -7.62
C ASN A 96 23.80 -13.40 -7.51
N GLN A 97 23.66 -12.16 -7.92
CA GLN A 97 24.81 -11.24 -7.91
C GLN A 97 25.12 -10.76 -6.50
N TRP A 98 24.07 -10.43 -5.77
CA TRP A 98 24.21 -9.84 -4.45
C TRP A 98 23.35 -10.57 -3.42
N PRO A 99 24.00 -11.39 -2.60
CA PRO A 99 23.29 -12.11 -1.54
C PRO A 99 22.41 -11.21 -0.71
N GLY A 100 21.15 -11.61 -0.68
CA GLY A 100 20.15 -10.96 0.12
C GLY A 100 19.53 -9.71 -0.48
N VAL A 101 19.94 -9.36 -1.71
CA VAL A 101 19.40 -8.19 -2.43
C VAL A 101 18.39 -8.69 -3.47
N LYS A 102 17.31 -7.93 -3.65
CA LYS A 102 16.28 -8.25 -4.63
C LYS A 102 16.05 -7.09 -5.60
N LEU A 103 15.50 -7.45 -6.75
CA LEU A 103 15.05 -6.47 -7.71
C LEU A 103 13.87 -5.70 -7.19
N ARG A 104 13.87 -4.37 -7.38
CA ARG A 104 12.72 -3.53 -6.98
C ARG A 104 12.25 -2.70 -8.15
N VAL A 105 10.94 -2.69 -8.37
CA VAL A 105 10.33 -1.94 -9.48
C VAL A 105 9.64 -0.72 -8.85
N THR A 106 10.06 0.46 -9.28
CA THR A 106 9.42 1.71 -8.90
C THR A 106 8.25 2.07 -9.81
N GLU A 107 8.38 1.79 -11.11
CA GLU A 107 7.32 2.00 -12.10
C GLU A 107 7.26 0.86 -13.07
N GLY A 108 6.04 0.38 -13.30
CA GLY A 108 5.73 -0.53 -14.38
C GLY A 108 4.86 0.13 -15.40
N TRP A 109 3.72 -0.47 -15.68
CA TRP A 109 2.69 0.24 -16.43
C TRP A 109 2.34 1.47 -15.61
N ASP A 110 2.08 2.59 -16.27
CA ASP A 110 1.80 3.82 -15.59
C ASP A 110 0.54 4.51 -16.11
N GLU A 111 -0.28 5.02 -15.17
CA GLU A 111 -1.39 5.89 -15.50
C GLU A 111 -1.29 7.25 -14.79
N ASP A 112 -0.20 7.49 -14.04
CA ASP A 112 0.01 8.79 -13.36
C ASP A 112 0.38 9.92 -14.29
N GLY A 113 1.18 9.62 -15.32
CA GLY A 113 1.46 10.54 -16.43
C GLY A 113 2.69 11.40 -16.36
N HIS A 114 3.71 11.00 -15.58
CA HIS A 114 4.94 11.80 -15.43
C HIS A 114 6.10 11.42 -16.33
N HIS A 115 5.91 10.41 -17.17
CA HIS A 115 6.95 9.91 -18.04
C HIS A 115 6.96 10.71 -19.34
N SER A 116 7.95 10.44 -20.18
CA SER A 116 7.97 11.13 -21.49
C SER A 116 6.67 10.92 -22.27
N GLU A 117 6.34 11.88 -23.13
CA GLU A 117 5.28 11.65 -24.12
C GLU A 117 5.61 10.39 -24.89
N GLU A 118 4.61 9.55 -25.06
CA GLU A 118 4.76 8.30 -25.80
C GLU A 118 5.73 7.33 -25.07
N SER A 119 5.72 7.41 -23.75
CA SER A 119 6.54 6.50 -22.97
C SER A 119 6.04 5.08 -23.12
N LEU A 120 6.95 4.12 -23.27
CA LEU A 120 6.57 2.71 -23.24
C LEU A 120 5.97 2.28 -21.91
N HIS A 121 6.20 3.04 -20.83
CA HIS A 121 5.49 2.76 -19.61
C HIS A 121 3.97 2.77 -19.82
N TYR A 122 3.49 3.61 -20.74
CA TYR A 122 2.05 3.75 -20.91
C TYR A 122 1.40 2.56 -21.57
N GLU A 123 2.19 1.65 -22.11
CA GLU A 123 1.62 0.39 -22.58
C GLU A 123 2.22 -0.85 -21.92
N GLY A 124 2.74 -0.66 -20.72
CA GLY A 124 3.23 -1.77 -19.93
C GLY A 124 4.45 -2.46 -20.50
N ARG A 125 5.24 -1.76 -21.34
CA ARG A 125 6.44 -2.33 -21.96
C ARG A 125 7.75 -1.79 -21.33
N ALA A 126 7.66 -1.09 -20.20
CA ALA A 126 8.86 -0.57 -19.55
C ALA A 126 8.77 -0.66 -18.02
N VAL A 127 9.94 -0.82 -17.37
CA VAL A 127 9.98 -0.76 -15.91
C VAL A 127 11.09 0.20 -15.52
N ASP A 128 10.92 0.93 -14.43
CA ASP A 128 12.03 1.61 -13.79
C ASP A 128 12.38 0.78 -12.56
N ILE A 129 13.67 0.54 -12.35
CA ILE A 129 14.14 -0.40 -11.31
C ILE A 129 15.32 0.12 -10.49
N THR A 130 15.42 -0.40 -9.27
CA THR A 130 16.59 -0.25 -8.40
C THR A 130 16.86 -1.63 -7.78
N THR A 131 17.92 -1.72 -6.99
CA THR A 131 18.10 -2.85 -6.10
C THR A 131 17.33 -2.54 -4.81
N SER A 132 17.05 -3.55 -4.04
CA SER A 132 16.23 -3.40 -2.84
C SER A 132 16.94 -2.55 -1.76
N ASP A 133 18.25 -2.49 -1.83
CA ASP A 133 19.00 -1.71 -0.83
C ASP A 133 19.24 -0.26 -1.26
N ARG A 134 18.67 0.13 -2.41
CA ARG A 134 18.85 1.45 -2.98
C ARG A 134 20.32 1.90 -3.04
N ASP A 135 21.25 0.97 -3.26
CA ASP A 135 22.66 1.35 -3.40
C ASP A 135 22.91 1.88 -4.81
N ARG A 136 23.07 3.19 -4.92
CA ARG A 136 23.26 3.84 -6.20
C ARG A 136 24.42 3.28 -7.00
N ASN A 137 25.41 2.69 -6.34
CA ASN A 137 26.55 2.17 -7.04
C ASN A 137 26.39 0.73 -7.47
N LYS A 138 25.19 0.17 -7.29
CA LYS A 138 24.84 -1.10 -7.93
C LYS A 138 24.12 -0.92 -9.26
N TYR A 139 23.76 0.32 -9.63
CA TYR A 139 22.81 0.49 -10.70
C TYR A 139 23.41 0.26 -12.08
N GLY A 140 24.69 0.54 -12.22
CA GLY A 140 25.36 0.32 -13.50
C GLY A 140 25.39 -1.18 -13.81
N LEU A 141 25.64 -1.96 -12.78
CA LEU A 141 25.70 -3.41 -12.95
C LEU A 141 24.28 -3.97 -13.08
N LEU A 142 23.35 -3.40 -12.32
CA LEU A 142 21.94 -3.82 -12.46
C LEU A 142 21.53 -3.65 -13.92
N ALA A 143 21.94 -2.55 -14.51
CA ALA A 143 21.58 -2.28 -15.89
C ALA A 143 22.18 -3.34 -16.83
N ARG A 144 23.43 -3.71 -16.60
CA ARG A 144 24.06 -4.77 -17.40
C ARG A 144 23.31 -6.10 -17.19
N LEU A 145 22.94 -6.40 -15.95
CA LEU A 145 22.12 -7.59 -15.71
C LEU A 145 20.83 -7.53 -16.50
N ALA A 146 20.23 -6.36 -16.63
CA ALA A 146 18.98 -6.28 -17.39
C ALA A 146 19.20 -6.52 -18.89
N VAL A 147 20.32 -6.03 -19.41
CA VAL A 147 20.66 -6.34 -20.78
C VAL A 147 20.81 -7.84 -20.95
N GLU A 148 21.54 -8.49 -20.03
CA GLU A 148 21.80 -9.91 -20.18
C GLU A 148 20.51 -10.72 -19.98
N ALA A 149 19.58 -10.19 -19.20
CA ALA A 149 18.28 -10.84 -18.97
C ALA A 149 17.35 -10.74 -20.19
N GLY A 150 17.75 -9.94 -21.19
CA GLY A 150 17.07 -9.92 -22.48
C GLY A 150 16.14 -8.75 -22.71
N PHE A 151 16.18 -7.74 -21.85
CA PHE A 151 15.41 -6.54 -22.12
C PHE A 151 15.89 -5.95 -23.43
N ASP A 152 14.96 -5.44 -24.22
CA ASP A 152 15.34 -4.98 -25.55
C ASP A 152 16.04 -3.62 -25.57
N TRP A 153 15.87 -2.83 -24.52
CA TRP A 153 16.59 -1.58 -24.37
C TRP A 153 16.73 -1.30 -22.88
N VAL A 154 17.93 -0.89 -22.49
CA VAL A 154 18.20 -0.63 -21.09
C VAL A 154 18.93 0.72 -21.04
N TYR A 155 18.48 1.59 -20.15
CA TYR A 155 18.94 2.97 -20.08
C TYR A 155 19.20 3.36 -18.64
N TYR A 156 20.48 3.66 -18.34
CA TYR A 156 20.84 4.15 -17.00
C TYR A 156 20.42 5.63 -16.95
N GLU A 157 19.10 5.80 -16.79
CA GLU A 157 18.42 7.04 -17.09
C GLU A 157 18.70 8.11 -16.04
N SER A 158 18.74 7.67 -14.78
CA SER A 158 18.90 8.55 -13.63
C SER A 158 19.92 7.95 -12.67
N LYS A 159 20.52 8.78 -11.83
CA LYS A 159 21.31 8.22 -10.73
C LYS A 159 20.40 7.43 -9.78
N ALA A 160 19.11 7.69 -9.85
CA ALA A 160 18.12 7.07 -8.96
C ALA A 160 17.47 5.77 -9.45
N HIS A 161 17.59 5.44 -10.74
CA HIS A 161 16.96 4.23 -11.27
C HIS A 161 17.45 3.91 -12.68
N VAL A 162 17.19 2.66 -13.11
CA VAL A 162 17.43 2.20 -14.46
C VAL A 162 16.07 1.95 -15.13
N HIS A 163 15.99 2.34 -16.39
CA HIS A 163 14.80 2.15 -17.22
C HIS A 163 15.05 1.04 -18.20
N CYS A 164 14.16 0.04 -18.23
CA CYS A 164 14.30 -1.11 -19.13
C CYS A 164 13.00 -1.30 -19.89
N SER A 165 13.09 -1.63 -21.18
CA SER A 165 11.88 -1.84 -21.94
C SER A 165 11.99 -3.01 -22.92
N VAL A 166 10.84 -3.34 -23.48
CA VAL A 166 10.72 -4.49 -24.36
C VAL A 166 9.89 -4.16 -25.60
N LYS A 167 10.13 -4.94 -26.63
CA LYS A 167 9.33 -4.95 -27.85
C LYS A 167 7.90 -5.36 -27.58
N SER A 168 7.01 -4.97 -28.49
CA SER A 168 5.62 -5.39 -28.40
C SER A 168 5.53 -6.88 -28.73
N GLU A 169 4.46 -7.52 -28.26
CA GLU A 169 4.29 -8.97 -28.37
C GLU A 169 4.20 -9.34 -29.84
N LEU B 20 -4.86 11.53 32.86
CA LEU B 20 -5.90 10.51 32.71
C LEU B 20 -5.48 9.16 33.27
N VAL B 21 -6.48 8.31 33.50
CA VAL B 21 -6.26 6.98 34.07
C VAL B 21 -6.39 5.94 32.98
N PRO B 22 -5.30 5.24 32.68
CA PRO B 22 -5.35 4.29 31.57
C PRO B 22 -6.25 3.11 31.86
N LEU B 23 -6.81 2.52 30.80
CA LEU B 23 -7.46 1.23 30.95
C LEU B 23 -6.39 0.19 31.19
N ALA B 24 -6.73 -0.84 31.97
CA ALA B 24 -5.84 -1.98 32.10
C ALA B 24 -6.04 -2.95 30.97
N TYR B 25 -5.04 -3.79 30.71
CA TYR B 25 -5.15 -4.84 29.74
C TYR B 25 -6.43 -5.67 30.02
N LYS B 26 -7.20 -5.86 28.96
CA LYS B 26 -8.45 -6.61 28.91
C LYS B 26 -9.63 -5.91 29.56
N GLN B 27 -9.43 -4.68 30.02
CA GLN B 27 -10.55 -3.85 30.45
C GLN B 27 -11.41 -3.38 29.28
N PHE B 28 -12.71 -3.26 29.55
CA PHE B 28 -13.67 -2.69 28.59
C PHE B 28 -14.50 -1.64 29.27
N SER B 29 -14.91 -0.65 28.48
CA SER B 29 -15.66 0.45 29.00
C SER B 29 -16.65 0.91 27.93
N PRO B 30 -17.92 1.11 28.29
CA PRO B 30 -18.50 0.93 29.64
C PRO B 30 -18.49 -0.56 29.98
N ASN B 31 -18.79 -0.84 31.24
CA ASN B 31 -18.68 -2.16 31.82
C ASN B 31 -19.90 -3.02 31.51
N VAL B 32 -20.14 -3.20 30.22
CA VAL B 32 -21.23 -4.04 29.75
C VAL B 32 -20.76 -4.71 28.46
N PRO B 33 -21.51 -5.69 27.96
CA PRO B 33 -21.13 -6.28 26.67
C PRO B 33 -21.20 -5.27 25.51
N GLU B 34 -20.28 -5.42 24.58
CA GLU B 34 -20.23 -4.51 23.43
C GLU B 34 -21.58 -4.26 22.73
N LYS B 35 -22.31 -5.33 22.46
CA LYS B 35 -23.45 -5.21 21.56
C LYS B 35 -24.75 -5.04 22.33
N THR B 36 -24.68 -4.45 23.51
CA THR B 36 -25.87 -4.07 24.27
C THR B 36 -26.20 -2.57 24.11
N LEU B 37 -27.41 -2.17 24.50
CA LEU B 37 -27.90 -0.83 24.21
C LEU B 37 -27.09 0.29 24.86
N GLY B 38 -26.53 0.03 26.03
CA GLY B 38 -25.67 1.00 26.68
C GLY B 38 -24.31 1.14 26.05
N ALA B 39 -23.98 0.23 25.14
CA ALA B 39 -22.68 0.27 24.48
C ALA B 39 -22.88 0.52 22.99
N SER B 40 -22.47 -0.40 22.12
CA SER B 40 -22.52 -0.15 20.67
C SER B 40 -23.78 -0.73 20.03
N GLY B 41 -24.57 -1.46 20.81
CA GLY B 41 -25.80 -2.03 20.27
C GLY B 41 -25.58 -3.26 19.37
N ARG B 42 -26.68 -3.90 18.99
CA ARG B 42 -26.61 -5.19 18.36
C ARG B 42 -25.97 -5.20 16.98
N TYR B 43 -25.40 -6.36 16.66
CA TYR B 43 -24.99 -6.68 15.31
C TYR B 43 -26.20 -6.69 14.39
N GLU B 44 -26.06 -6.02 13.26
CA GLU B 44 -27.14 -5.91 12.27
C GLU B 44 -26.87 -6.70 11.01
N GLY B 45 -25.73 -7.38 10.95
CA GLY B 45 -25.42 -8.28 9.86
C GLY B 45 -24.20 -7.79 9.11
N LYS B 46 -23.39 -8.72 8.63
CA LYS B 46 -22.22 -8.39 7.83
C LYS B 46 -22.54 -7.58 6.59
N ILE B 47 -21.72 -6.59 6.33
CA ILE B 47 -21.69 -5.85 5.06
C ILE B 47 -20.59 -6.40 4.13
N ALA B 48 -21.00 -7.04 3.03
CA ALA B 48 -20.06 -7.54 2.05
C ALA B 48 -19.81 -6.51 0.97
N ARG B 49 -18.66 -6.61 0.32
CA ARG B 49 -18.29 -5.67 -0.72
C ARG B 49 -19.35 -5.64 -1.83
N SER B 50 -19.93 -6.79 -2.12
CA SER B 50 -20.90 -6.88 -3.21
C SER B 50 -22.28 -6.28 -2.90
N SER B 51 -22.46 -5.74 -1.70
CA SER B 51 -23.81 -5.46 -1.18
C SER B 51 -24.22 -4.00 -1.28
N GLU B 52 -25.53 -3.75 -1.21
CA GLU B 52 -26.05 -2.39 -1.24
C GLU B 52 -25.57 -1.58 -0.03
N ARG B 53 -25.52 -2.22 1.15
CA ARG B 53 -25.14 -1.50 2.36
C ARG B 53 -23.69 -1.06 2.31
N PHE B 54 -22.89 -1.78 1.52
CA PHE B 54 -21.48 -1.44 1.35
C PHE B 54 -21.35 -0.08 0.68
N LYS B 55 -22.27 0.23 -0.21
CA LYS B 55 -22.21 1.50 -0.94
C LYS B 55 -22.31 2.69 0.01
N GLU B 56 -22.86 2.48 1.19
CA GLU B 56 -23.02 3.57 2.16
C GLU B 56 -21.76 3.84 2.96
N LEU B 57 -20.80 2.94 2.92
CA LEU B 57 -19.52 3.19 3.58
C LEU B 57 -18.64 4.02 2.67
N THR B 58 -18.06 5.06 3.25
CA THR B 58 -17.08 5.86 2.51
C THR B 58 -15.77 5.98 3.31
N PRO B 59 -14.67 6.21 2.58
CA PRO B 59 -13.35 6.18 3.21
C PRO B 59 -12.98 7.42 4.00
N ASN B 60 -12.34 7.17 5.13
CA ASN B 60 -11.73 8.23 5.91
C ASN B 60 -10.33 8.51 5.37
N TYR B 61 -10.15 9.72 4.84
CA TYR B 61 -8.84 10.14 4.29
C TYR B 61 -8.14 11.18 5.16
N ASN B 62 -8.44 11.17 6.45
CA ASN B 62 -7.88 12.14 7.38
C ASN B 62 -6.36 11.97 7.49
N PRO B 63 -5.60 13.03 7.19
CA PRO B 63 -4.14 12.97 7.24
C PRO B 63 -3.58 12.75 8.65
N ASP B 64 -4.40 13.02 9.68
CA ASP B 64 -4.02 12.81 11.09
C ASP B 64 -3.95 11.34 11.48
N ILE B 65 -4.32 10.42 10.58
CA ILE B 65 -4.43 8.99 10.93
C ILE B 65 -3.66 8.14 9.92
N ILE B 66 -2.92 7.16 10.43
CA ILE B 66 -2.18 6.20 9.61
C ILE B 66 -3.05 4.96 9.46
N PHE B 67 -3.29 4.52 8.24
CA PHE B 67 -4.08 3.31 8.00
C PHE B 67 -3.16 2.20 7.53
N LYS B 68 -3.11 1.12 8.29
CA LYS B 68 -2.17 0.02 8.01
C LYS B 68 -2.33 -0.53 6.58
N ASP B 69 -3.56 -0.87 6.21
CA ASP B 69 -3.88 -1.32 4.87
C ASP B 69 -2.98 -2.43 4.40
N GLU B 70 -2.78 -3.41 5.26
CA GLU B 70 -2.03 -4.59 4.83
C GLU B 70 -2.79 -5.35 3.74
N GLU B 71 -4.09 -5.11 3.66
CA GLU B 71 -4.93 -5.66 2.59
C GLU B 71 -4.62 -5.07 1.21
N ASN B 72 -4.01 -3.89 1.19
CA ASN B 72 -3.83 -3.16 -0.07
C ASN B 72 -5.12 -3.01 -0.86
N THR B 73 -6.20 -2.75 -0.13
CA THR B 73 -7.50 -2.52 -0.74
C THR B 73 -8.13 -1.23 -0.27
N GLY B 74 -7.58 -0.63 0.76
CA GLY B 74 -8.25 0.51 1.40
C GLY B 74 -9.36 0.22 2.37
N ALA B 75 -9.59 -1.05 2.67
CA ALA B 75 -10.68 -1.46 3.55
C ALA B 75 -10.68 -0.73 4.89
N ASP B 76 -9.48 -0.54 5.45
CA ASP B 76 -9.34 -0.02 6.81
C ASP B 76 -9.90 1.40 6.93
N ARG B 77 -9.92 2.13 5.83
CA ARG B 77 -10.44 3.48 5.79
C ARG B 77 -11.95 3.52 5.78
N LEU B 78 -12.59 2.41 5.45
CA LEU B 78 -14.04 2.36 5.34
C LEU B 78 -14.68 2.21 6.73
N MET B 79 -15.61 3.10 7.06
CA MET B 79 -16.27 3.07 8.35
C MET B 79 -17.49 4.00 8.30
N THR B 80 -18.41 3.84 9.24
CA THR B 80 -19.59 4.68 9.29
C THR B 80 -19.21 6.12 9.67
N GLN B 81 -20.17 7.03 9.47
CA GLN B 81 -19.95 8.42 9.80
C GLN B 81 -19.70 8.59 11.30
N ARG B 82 -20.43 7.89 12.15
CA ARG B 82 -20.21 8.02 13.59
C ARG B 82 -18.81 7.52 13.94
N CYS B 83 -18.38 6.44 13.30
CA CYS B 83 -17.05 5.93 13.58
C CYS B 83 -16.01 6.98 13.16
N LYS B 84 -16.21 7.61 12.02
CA LYS B 84 -15.32 8.66 11.56
C LYS B 84 -15.24 9.80 12.57
N ASP B 85 -16.40 10.19 13.07
CA ASP B 85 -16.47 11.36 13.94
C ASP B 85 -15.61 11.09 15.15
N ARG B 86 -15.81 9.91 15.74
CA ARG B 86 -15.10 9.55 16.97
C ARG B 86 -13.61 9.33 16.69
N LEU B 87 -13.29 8.68 15.57
CA LEU B 87 -11.90 8.39 15.23
C LEU B 87 -11.16 9.70 14.98
N ASN B 88 -11.82 10.66 14.37
CA ASN B 88 -11.15 11.91 14.07
C ASN B 88 -10.90 12.75 15.31
N SER B 89 -11.84 12.72 16.26
CA SER B 89 -11.62 13.36 17.56
C SER B 89 -10.45 12.70 18.28
N LEU B 90 -10.41 11.38 18.27
CA LEU B 90 -9.30 10.65 18.88
C LEU B 90 -7.97 11.00 18.22
N ALA B 91 -7.96 11.13 16.91
CA ALA B 91 -6.73 11.47 16.18
C ALA B 91 -6.13 12.76 16.72
N ILE B 92 -6.98 13.73 17.00
CA ILE B 92 -6.52 14.99 17.55
C ILE B 92 -5.99 14.81 18.96
N SER B 93 -6.70 14.06 19.81
CA SER B 93 -6.25 13.93 21.18
C SER B 93 -4.95 13.13 21.30
N VAL B 94 -4.72 12.18 20.40
CA VAL B 94 -3.47 11.43 20.38
C VAL B 94 -2.28 12.36 20.07
N MET B 95 -2.42 13.19 19.04
CA MET B 95 -1.36 14.13 18.69
C MET B 95 -1.10 15.12 19.83
N ASN B 96 -2.14 15.50 20.55
CA ASN B 96 -1.96 16.38 21.71
C ASN B 96 -1.29 15.68 22.90
N GLN B 97 -1.57 14.41 23.09
CA GLN B 97 -1.05 13.70 24.24
C GLN B 97 0.41 13.41 24.06
N TRP B 98 0.76 13.08 22.82
CA TRP B 98 2.10 12.62 22.46
C TRP B 98 2.57 13.31 21.19
N PRO B 99 3.16 14.49 21.31
CA PRO B 99 3.65 15.15 20.10
C PRO B 99 4.51 14.27 19.25
N GLY B 100 4.26 14.31 17.95
CA GLY B 100 5.05 13.53 17.00
C GLY B 100 4.49 12.13 16.75
N VAL B 101 3.50 11.74 17.54
CA VAL B 101 2.84 10.43 17.42
C VAL B 101 1.43 10.65 16.86
N LYS B 102 0.95 9.70 16.05
CA LYS B 102 -0.36 9.74 15.47
C LYS B 102 -1.11 8.45 15.73
N LEU B 103 -2.41 8.54 15.58
CA LEU B 103 -3.30 7.40 15.69
C LEU B 103 -3.09 6.51 14.49
N ARG B 104 -3.00 5.19 14.70
CA ARG B 104 -2.86 4.24 13.61
C ARG B 104 -3.99 3.21 13.71
N VAL B 105 -4.63 2.98 12.58
CA VAL B 105 -5.69 1.99 12.51
C VAL B 105 -5.17 0.74 11.83
N THR B 106 -5.22 -0.39 12.50
CA THR B 106 -4.84 -1.64 11.88
C THR B 106 -5.98 -2.30 11.14
N GLU B 107 -7.22 -2.14 11.65
CA GLU B 107 -8.41 -2.70 11.03
C GLU B 107 -9.56 -1.70 11.13
N GLY B 108 -10.25 -1.43 10.04
CA GLY B 108 -11.56 -0.76 10.06
C GLY B 108 -12.63 -1.75 9.66
N TRP B 109 -13.39 -1.42 8.60
CA TRP B 109 -14.31 -2.39 8.01
C TRP B 109 -13.45 -3.56 7.54
N ASP B 110 -13.92 -4.78 7.78
CA ASP B 110 -13.18 -5.99 7.44
C ASP B 110 -13.98 -6.96 6.56
N GLU B 111 -13.30 -7.45 5.52
CA GLU B 111 -13.76 -8.63 4.77
C GLU B 111 -12.82 -9.83 4.84
N ASP B 112 -11.70 -9.71 5.57
CA ASP B 112 -10.77 -10.84 5.69
C ASP B 112 -11.32 -11.98 6.53
N GLY B 113 -12.06 -11.62 7.56
CA GLY B 113 -12.83 -12.57 8.37
C GLY B 113 -12.17 -13.21 9.56
N HIS B 114 -11.18 -12.55 10.17
CA HIS B 114 -10.52 -13.10 11.35
C HIS B 114 -11.05 -12.55 12.69
N HIS B 115 -12.11 -11.74 12.67
CA HIS B 115 -12.67 -11.22 13.90
C HIS B 115 -13.73 -12.18 14.45
N SER B 116 -14.45 -11.77 15.48
CA SER B 116 -15.44 -12.65 16.08
C SER B 116 -16.57 -12.94 15.07
N GLU B 117 -17.39 -13.99 15.26
CA GLU B 117 -18.39 -14.37 14.25
C GLU B 117 -19.35 -13.26 13.80
N GLU B 118 -19.74 -12.44 14.75
CA GLU B 118 -20.65 -11.30 14.50
C GLU B 118 -19.95 -10.00 14.91
N SER B 119 -18.78 -9.78 14.35
CA SER B 119 -17.98 -8.63 14.69
C SER B 119 -18.54 -7.32 14.11
N LEU B 120 -18.45 -6.25 14.89
CA LEU B 120 -18.87 -4.94 14.40
C LEU B 120 -17.91 -4.43 13.32
N HIS B 121 -16.73 -5.04 13.22
CA HIS B 121 -15.86 -4.72 12.07
C HIS B 121 -16.55 -5.01 10.74
N TYR B 122 -17.41 -6.02 10.72
CA TYR B 122 -18.03 -6.42 9.47
C TYR B 122 -19.10 -5.41 9.04
N GLU B 123 -19.42 -4.44 9.90
CA GLU B 123 -20.38 -3.37 9.60
C GLU B 123 -19.74 -1.99 9.44
N GLY B 124 -18.41 -1.93 9.50
CA GLY B 124 -17.65 -0.69 9.52
C GLY B 124 -17.90 0.14 10.77
N ARG B 125 -18.23 -0.53 11.87
CA ARG B 125 -18.58 0.16 13.13
C ARG B 125 -17.49 -0.05 14.18
N ALA B 126 -16.36 -0.61 13.80
CA ALA B 126 -15.25 -0.81 14.75
C ALA B 126 -13.90 -0.58 14.12
N VAL B 127 -12.95 -0.19 14.96
CA VAL B 127 -11.54 -0.08 14.55
C VAL B 127 -10.65 -0.78 15.58
N ASP B 128 -9.54 -1.36 15.11
CA ASP B 128 -8.46 -1.72 16.00
C ASP B 128 -7.36 -0.71 15.79
N ILE B 129 -6.80 -0.18 16.88
CA ILE B 129 -5.86 0.92 16.80
C ILE B 129 -4.60 0.71 17.65
N THR B 130 -3.56 1.42 17.25
CA THR B 130 -2.36 1.59 18.03
C THR B 130 -1.92 3.03 17.94
N THR B 131 -0.81 3.36 18.57
CA THR B 131 -0.12 4.60 18.25
C THR B 131 0.88 4.31 17.13
N SER B 132 1.31 5.35 16.44
CA SER B 132 2.13 5.16 15.25
C SER B 132 3.53 4.63 15.59
N ASP B 133 3.97 4.80 16.83
CA ASP B 133 5.28 4.30 17.22
C ASP B 133 5.26 2.85 17.70
N ARG B 134 4.07 2.28 17.75
CA ARG B 134 3.84 0.91 18.28
C ARG B 134 4.42 0.73 19.69
N ASP B 135 4.37 1.81 20.48
CA ASP B 135 4.75 1.75 21.89
C ASP B 135 3.62 1.15 22.69
N ARG B 136 3.74 -0.13 23.02
CA ARG B 136 2.67 -0.84 23.71
CA ARG B 136 2.66 -0.83 23.68
C ARG B 136 2.34 -0.20 25.05
N ASN B 137 3.31 0.53 25.61
CA ASN B 137 3.13 1.16 26.91
C ASN B 137 2.17 2.32 26.89
N LYS B 138 1.84 2.80 25.68
CA LYS B 138 0.86 3.87 25.55
C LYS B 138 -0.57 3.36 25.42
N TYR B 139 -0.78 2.05 25.23
CA TYR B 139 -2.09 1.62 24.73
C TYR B 139 -3.20 1.70 25.79
N GLY B 140 -2.85 1.60 27.07
CA GLY B 140 -3.83 1.80 28.13
C GLY B 140 -4.38 3.22 28.10
N LEU B 141 -3.48 4.17 27.94
CA LEU B 141 -3.87 5.56 27.82
C LEU B 141 -4.59 5.85 26.52
N LEU B 142 -4.19 5.20 25.44
CA LEU B 142 -4.83 5.35 24.14
C LEU B 142 -6.30 4.90 24.27
N ALA B 143 -6.52 3.82 25.02
CA ALA B 143 -7.87 3.31 25.20
C ALA B 143 -8.68 4.33 26.00
N ARG B 144 -8.08 4.93 27.03
CA ARG B 144 -8.80 5.95 27.77
C ARG B 144 -9.14 7.13 26.88
N LEU B 145 -8.21 7.50 26.00
CA LEU B 145 -8.48 8.61 25.09
C LEU B 145 -9.66 8.26 24.16
N ALA B 146 -9.74 7.00 23.75
CA ALA B 146 -10.83 6.56 22.91
C ALA B 146 -12.20 6.65 23.62
N VAL B 147 -12.24 6.33 24.90
CA VAL B 147 -13.46 6.52 25.68
C VAL B 147 -13.79 8.01 25.71
N GLU B 148 -12.79 8.86 25.96
CA GLU B 148 -13.02 10.30 26.03
C GLU B 148 -13.48 10.92 24.69
N ALA B 149 -13.09 10.30 23.59
CA ALA B 149 -13.39 10.76 22.23
C ALA B 149 -14.82 10.39 21.86
N GLY B 150 -15.45 9.55 22.67
CA GLY B 150 -16.85 9.21 22.50
C GLY B 150 -17.15 7.87 21.85
N PHE B 151 -16.16 7.00 21.69
CA PHE B 151 -16.49 5.66 21.23
C PHE B 151 -17.49 5.02 22.18
N ASP B 152 -18.47 4.31 21.63
CA ASP B 152 -19.52 3.72 22.44
C ASP B 152 -19.05 2.47 23.18
N TRP B 153 -17.96 1.84 22.73
CA TRP B 153 -17.37 0.73 23.48
C TRP B 153 -15.90 0.72 23.18
N VAL B 154 -15.12 0.50 24.22
CA VAL B 154 -13.67 0.45 24.12
C VAL B 154 -13.17 -0.74 24.90
N TYR B 155 -12.27 -1.52 24.30
CA TYR B 155 -11.81 -2.80 24.87
C TYR B 155 -10.32 -2.94 24.55
N TYR B 156 -9.53 -2.97 25.62
CA TYR B 156 -8.09 -3.16 25.48
C TYR B 156 -7.89 -4.67 25.25
N GLU B 157 -8.21 -5.08 24.03
CA GLU B 157 -8.42 -6.48 23.63
C GLU B 157 -7.14 -7.30 23.68
N SER B 158 -6.04 -6.67 23.31
CA SER B 158 -4.79 -7.36 23.12
C SER B 158 -3.65 -6.47 23.59
N LYS B 159 -2.51 -7.05 23.93
CA LYS B 159 -1.38 -6.18 24.15
C LYS B 159 -0.97 -5.47 22.85
N ALA B 160 -1.40 -6.00 21.69
CA ALA B 160 -1.03 -5.44 20.37
C ALA B 160 -1.92 -4.32 19.87
N HIS B 161 -3.11 -4.15 20.43
CA HIS B 161 -4.03 -3.15 19.90
C HIS B 161 -5.24 -2.97 20.80
N VAL B 162 -5.95 -1.86 20.59
CA VAL B 162 -7.17 -1.51 21.28
C VAL B 162 -8.35 -1.54 20.28
N HIS B 163 -9.45 -2.16 20.68
CA HIS B 163 -10.66 -2.28 19.83
C HIS B 163 -11.70 -1.25 20.28
N CYS B 164 -12.25 -0.48 19.35
CA CYS B 164 -13.18 0.62 19.66
C CYS B 164 -14.35 0.50 18.71
N SER B 165 -15.58 0.70 19.18
CA SER B 165 -16.70 0.61 18.26
C SER B 165 -17.77 1.65 18.54
N VAL B 166 -18.71 1.76 17.61
CA VAL B 166 -19.78 2.74 17.72
C VAL B 166 -21.15 2.08 17.44
N LYS B 167 -22.20 2.69 17.98
CA LYS B 167 -23.57 2.39 17.58
C LYS B 167 -23.79 2.66 16.11
N SER B 168 -24.82 2.03 15.56
CA SER B 168 -25.22 2.27 14.19
C SER B 168 -25.91 3.62 14.05
N GLU B 169 -25.90 4.12 12.80
CA GLU B 169 -26.50 5.41 12.42
C GLU B 169 -28.01 5.36 12.60
N PRO C 4 -1.68 -19.36 -11.32
CA PRO C 4 -3.13 -19.21 -11.17
C PRO C 4 -3.55 -17.76 -11.32
N ILE C 5 -4.81 -17.47 -11.00
CA ILE C 5 -5.30 -16.10 -11.04
C ILE C 5 -5.80 -15.71 -9.67
N THR C 6 -7.00 -16.20 -9.35
CA THR C 6 -7.61 -16.03 -8.05
C THR C 6 -6.79 -16.75 -6.99
N GLY C 7 -6.58 -16.08 -5.87
CA GLY C 7 -5.80 -16.66 -4.80
C GLY C 7 -6.66 -17.53 -3.91
N PRO C 8 -6.03 -18.24 -2.99
CA PRO C 8 -6.73 -19.01 -1.98
C PRO C 8 -7.50 -18.09 -1.09
N HIS C 9 -8.41 -18.67 -0.33
CA HIS C 9 -9.02 -17.98 0.78
C HIS C 9 -8.62 -18.62 2.12
N ILE C 10 -8.07 -17.83 3.03
CA ILE C 10 -7.75 -18.35 4.34
C ILE C 10 -8.98 -18.31 5.20
N ALA C 11 -9.44 -19.50 5.57
CA ALA C 11 -10.65 -19.65 6.36
C ALA C 11 -10.45 -19.27 7.83
N TYR C 12 -9.30 -19.62 8.39
CA TYR C 12 -9.01 -19.24 9.75
C TYR C 12 -7.51 -19.31 10.05
N THR C 13 -7.13 -18.59 11.09
CA THR C 13 -5.77 -18.64 11.65
C THR C 13 -5.96 -18.77 13.17
N GLU C 14 -5.23 -19.66 13.83
CA GLU C 14 -5.37 -19.78 15.27
C GLU C 14 -4.04 -20.12 15.88
N ALA C 15 -3.67 -19.44 16.95
CA ALA C 15 -2.43 -19.78 17.63
C ALA C 15 -2.56 -21.11 18.30
N VAL C 16 -1.52 -21.93 18.16
CA VAL C 16 -1.48 -23.19 18.93
C VAL C 16 -0.48 -23.18 20.07
N SER C 17 0.44 -22.22 20.06
CA SER C 17 1.44 -22.09 21.09
C SER C 17 1.97 -20.65 21.06
N ASP C 18 2.99 -20.39 21.87
CA ASP C 18 3.65 -19.10 21.87
C ASP C 18 4.56 -18.84 20.68
N THR C 19 4.79 -19.87 19.87
CA THR C 19 5.67 -19.74 18.72
C THR C 19 5.06 -20.24 17.41
N GLN C 20 3.78 -20.60 17.41
CA GLN C 20 3.23 -21.32 16.26
C GLN C 20 1.80 -20.90 15.98
N ILE C 21 1.46 -20.75 14.72
CA ILE C 21 0.11 -20.37 14.32
C ILE C 21 -0.35 -21.32 13.21
N MET C 22 -1.55 -21.85 13.35
CA MET C 22 -2.13 -22.72 12.34
C MET C 22 -3.00 -21.91 11.40
N LEU C 23 -2.90 -22.17 10.10
CA LEU C 23 -3.88 -21.62 9.14
C LEU C 23 -4.44 -22.72 8.25
N LYS C 24 -5.67 -22.49 7.79
CA LYS C 24 -6.36 -23.41 6.92
C LYS C 24 -6.98 -22.61 5.79
N TRP C 25 -6.85 -23.09 4.56
CA TRP C 25 -7.38 -22.36 3.43
C TRP C 25 -8.22 -23.21 2.47
N THR C 26 -8.89 -22.53 1.57
CA THR C 26 -9.60 -23.19 0.48
C THR C 26 -9.05 -22.67 -0.83
N TYR C 27 -9.10 -23.50 -1.87
CA TYR C 27 -8.60 -23.07 -3.17
C TYR C 27 -9.38 -23.64 -4.34
N ILE C 28 -9.67 -22.77 -5.31
CA ILE C 28 -10.32 -23.16 -6.55
C ILE C 28 -9.29 -23.49 -7.63
N PRO C 29 -9.22 -24.77 -8.01
CA PRO C 29 -8.28 -25.31 -9.00
C PRO C 29 -8.38 -24.63 -10.37
N THR C 35 -1.90 -27.26 -16.33
CA THR C 35 -1.05 -26.50 -15.42
C THR C 35 -1.56 -26.57 -13.98
N PRO C 36 -1.40 -27.74 -13.33
CA PRO C 36 -1.91 -27.96 -11.98
C PRO C 36 -1.14 -27.13 -10.95
N ILE C 37 -1.76 -26.88 -9.80
CA ILE C 37 -1.10 -26.14 -8.72
C ILE C 37 0.07 -26.96 -8.19
N GLN C 38 1.25 -26.36 -8.17
CA GLN C 38 2.44 -27.00 -7.61
C GLN C 38 2.56 -26.81 -6.10
N GLY C 39 1.99 -25.73 -5.58
CA GLY C 39 2.12 -25.48 -4.14
C GLY C 39 1.59 -24.12 -3.72
N PHE C 40 1.92 -23.73 -2.49
CA PHE C 40 1.46 -22.47 -1.91
C PHE C 40 2.63 -21.74 -1.26
N TYR C 41 2.57 -20.43 -1.25
CA TYR C 41 3.51 -19.60 -0.51
C TYR C 41 2.74 -18.92 0.61
N ILE C 42 3.20 -19.12 1.84
CA ILE C 42 2.54 -18.55 3.01
C ILE C 42 3.46 -17.46 3.57
N TYR C 43 2.96 -16.24 3.61
CA TYR C 43 3.71 -15.08 4.06
C TYR C 43 3.27 -14.63 5.44
N TYR C 44 4.24 -14.20 6.26
CA TYR C 44 3.93 -13.72 7.59
C TYR C 44 4.94 -12.68 8.03
N ARG C 45 4.45 -11.67 8.74
CA ARG C 45 5.32 -10.67 9.34
C ARG C 45 4.63 -10.15 10.59
N PRO C 46 5.40 -9.57 11.50
CA PRO C 46 4.74 -8.94 12.65
C PRO C 46 3.78 -7.84 12.20
N THR C 47 2.62 -7.79 12.84
CA THR C 47 1.61 -6.81 12.55
C THR C 47 2.14 -5.38 12.78
N ASP C 48 3.14 -5.24 13.64
CA ASP C 48 3.76 -3.95 13.84
C ASP C 48 4.50 -3.43 12.61
N SER C 49 4.78 -4.28 11.63
CA SER C 49 5.35 -3.81 10.36
C SER C 49 4.25 -3.50 9.33
N ASP C 50 4.32 -2.32 8.70
CA ASP C 50 3.47 -2.02 7.53
C ASP C 50 4.28 -2.06 6.20
N ASN C 51 5.47 -2.63 6.28
CA ASN C 51 6.40 -2.75 5.16
C ASN C 51 6.27 -4.10 4.45
N ASP C 52 5.69 -4.10 3.23
CA ASP C 52 5.35 -5.39 2.57
C ASP C 52 6.62 -6.20 2.31
N SER C 53 7.76 -5.53 2.34
CA SER C 53 9.06 -6.17 2.12
C SER C 53 9.50 -6.99 3.32
N ASP C 54 8.80 -6.89 4.45
CA ASP C 54 9.18 -7.58 5.69
C ASP C 54 8.56 -9.00 5.83
N TYR C 55 7.71 -9.39 4.90
CA TYR C 55 7.11 -10.71 5.02
C TYR C 55 8.14 -11.84 4.84
N LYS C 56 8.05 -12.86 5.67
CA LYS C 56 8.80 -14.09 5.47
C LYS C 56 7.91 -15.07 4.74
N ARG C 57 8.52 -16.07 4.11
CA ARG C 57 7.79 -16.99 3.23
C ARG C 57 8.08 -18.43 3.59
N ASP C 58 7.03 -19.21 3.78
CA ASP C 58 7.12 -20.67 3.86
C ASP C 58 6.55 -21.26 2.57
N VAL C 59 7.23 -22.25 2.00
CA VAL C 59 6.71 -23.00 0.88
C VAL C 59 6.07 -24.32 1.28
N VAL C 60 4.87 -24.55 0.78
CA VAL C 60 4.04 -25.70 1.13
C VAL C 60 3.62 -26.49 -0.13
N GLU C 61 3.51 -27.82 -0.01
CA GLU C 61 3.11 -28.67 -1.13
C GLU C 61 1.64 -28.48 -1.54
N GLY C 62 1.36 -28.67 -2.82
CA GLY C 62 0.08 -28.30 -3.40
C GLY C 62 -1.13 -29.13 -3.00
N SER C 63 -0.89 -30.25 -2.34
CA SER C 63 -2.00 -31.10 -1.90
C SER C 63 -2.50 -30.69 -0.51
N LYS C 64 -1.79 -29.78 0.12
CA LYS C 64 -2.09 -29.45 1.51
C LYS C 64 -3.10 -28.32 1.56
N GLN C 65 -3.99 -28.34 2.55
CA GLN C 65 -4.91 -27.22 2.71
C GLN C 65 -4.75 -26.54 4.06
N TRP C 66 -3.70 -26.89 4.82
CA TRP C 66 -3.38 -26.19 6.05
C TRP C 66 -1.89 -26.23 6.29
N HIS C 67 -1.42 -25.36 7.18
CA HIS C 67 -0.01 -25.28 7.48
C HIS C 67 0.21 -24.70 8.84
N MET C 68 1.29 -25.12 9.50
CA MET C 68 1.64 -24.50 10.77
CA MET C 68 1.67 -24.54 10.78
C MET C 68 2.90 -23.67 10.59
N ILE C 69 2.75 -22.36 10.85
CA ILE C 69 3.89 -21.48 10.88
C ILE C 69 4.56 -21.60 12.28
N GLY C 70 5.87 -21.74 12.27
CA GLY C 70 6.63 -21.89 13.50
C GLY C 70 7.71 -20.85 13.64
N HIS C 71 8.47 -20.98 14.72
CA HIS C 71 9.59 -20.10 15.08
C HIS C 71 9.18 -18.66 15.19
N LEU C 72 7.98 -18.45 15.72
CA LEU C 72 7.49 -17.11 15.90
C LEU C 72 7.81 -16.58 17.31
N GLN C 73 7.57 -15.30 17.53
CA GLN C 73 7.86 -14.66 18.79
C GLN C 73 6.65 -14.73 19.69
N PRO C 74 6.85 -15.09 20.96
CA PRO C 74 5.79 -15.09 21.98
C PRO C 74 5.01 -13.78 22.04
N GLU C 75 3.71 -13.92 22.31
CA GLU C 75 2.84 -12.78 22.52
C GLU C 75 2.97 -11.71 21.44
N THR C 76 2.98 -12.13 20.17
CA THR C 76 3.23 -11.21 19.07
C THR C 76 2.20 -11.46 17.98
N SER C 77 1.69 -10.36 17.43
CA SER C 77 0.66 -10.40 16.40
C SER C 77 1.35 -10.44 15.04
N TYR C 78 0.85 -11.30 14.16
CA TYR C 78 1.36 -11.46 12.79
C TYR C 78 0.28 -11.20 11.76
N ASP C 79 0.70 -10.61 10.63
CA ASP C 79 -0.14 -10.52 9.44
C ASP C 79 0.20 -11.74 8.61
N ILE C 80 -0.82 -12.41 8.10
CA ILE C 80 -0.61 -13.67 7.36
C ILE C 80 -1.43 -13.63 6.06
N LYS C 81 -0.80 -13.92 4.92
CA LYS C 81 -1.49 -14.04 3.65
C LYS C 81 -0.76 -15.04 2.79
N MET C 82 -1.33 -15.43 1.65
CA MET C 82 -0.71 -16.50 0.92
C MET C 82 -1.03 -16.41 -0.58
N GLN C 83 -0.28 -17.17 -1.38
CA GLN C 83 -0.56 -17.35 -2.80
C GLN C 83 -0.49 -18.81 -3.14
N CYS C 84 -1.08 -19.20 -4.28
CA CYS C 84 -0.76 -20.49 -4.83
C CYS C 84 0.15 -20.25 -6.02
N PHE C 85 0.86 -21.28 -6.44
CA PHE C 85 1.74 -21.14 -7.58
C PHE C 85 1.73 -22.41 -8.40
N ASN C 86 2.04 -22.23 -9.67
CA ASN C 86 2.15 -23.34 -10.59
C ASN C 86 3.30 -23.01 -11.54
N GLU C 87 3.48 -23.81 -12.58
CA GLU C 87 4.61 -23.65 -13.49
C GLU C 87 4.70 -22.24 -14.09
N GLY C 88 3.56 -21.70 -14.51
CA GLY C 88 3.50 -20.41 -15.17
C GLY C 88 3.62 -19.18 -14.28
N GLY C 89 3.51 -19.35 -12.96
CA GLY C 89 3.66 -18.24 -12.05
C GLY C 89 2.82 -18.34 -10.78
N GLU C 90 2.44 -17.20 -10.22
CA GLU C 90 1.76 -17.17 -8.93
C GLU C 90 0.41 -16.47 -9.01
N SER C 91 -0.47 -16.77 -8.06
CA SER C 91 -1.73 -16.05 -7.95
C SER C 91 -1.61 -14.70 -7.25
N GLU C 92 -2.70 -13.95 -7.26
CA GLU C 92 -2.79 -12.76 -6.43
C GLU C 92 -2.82 -13.24 -4.99
N PHE C 93 -2.63 -12.32 -4.06
CA PHE C 93 -2.69 -12.71 -2.66
C PHE C 93 -4.09 -12.99 -2.18
N SER C 94 -4.16 -13.85 -1.15
CA SER C 94 -5.38 -14.13 -0.42
C SER C 94 -5.79 -12.95 0.42
N ASN C 95 -6.88 -13.13 1.14
CA ASN C 95 -7.20 -12.27 2.24
C ASN C 95 -6.08 -12.28 3.26
N VAL C 96 -6.01 -11.20 4.04
CA VAL C 96 -4.96 -11.04 5.02
C VAL C 96 -5.50 -11.16 6.43
N MET C 97 -4.99 -12.16 7.14
CA MET C 97 -5.44 -12.48 8.49
C MET C 97 -4.46 -11.88 9.46
N ILE C 98 -4.95 -11.60 10.66
CA ILE C 98 -4.11 -11.07 11.73
C ILE C 98 -4.30 -12.03 12.90
N CYS C 99 -3.21 -12.52 13.50
CA CYS C 99 -3.30 -13.54 14.54
C CYS C 99 -2.11 -13.41 15.48
N GLU C 100 -2.35 -13.51 16.79
CA GLU C 100 -1.31 -13.36 17.80
CA GLU C 100 -1.25 -13.39 17.74
C GLU C 100 -0.90 -14.74 18.33
N THR C 101 0.39 -14.94 18.57
CA THR C 101 0.83 -16.14 19.25
C THR C 101 0.44 -16.00 20.71
N LYS C 102 0.41 -17.12 21.41
CA LYS C 102 0.11 -17.10 22.84
C LYS C 102 1.21 -16.43 23.65
N GLY D 1 -21.26 22.09 3.72
CA GLY D 1 -20.08 21.84 2.92
C GLY D 1 -19.64 20.38 2.96
N SER D 2 -20.33 19.56 2.17
CA SER D 2 -19.97 18.14 2.04
C SER D 2 -18.46 17.96 1.92
N THR D 3 -17.93 16.86 2.42
CA THR D 3 -16.49 16.64 2.30
C THR D 3 -16.17 16.29 0.84
N PRO D 4 -15.06 16.84 0.32
CA PRO D 4 -14.67 16.50 -1.06
C PRO D 4 -14.45 15.00 -1.19
N ILE D 5 -14.72 14.44 -2.36
CA ILE D 5 -14.49 13.02 -2.57
C ILE D 5 -13.41 12.77 -3.61
N THR D 6 -13.64 13.30 -4.80
CA THR D 6 -12.70 13.32 -5.90
C THR D 6 -11.55 14.29 -5.61
N GLY D 7 -10.33 13.87 -5.90
CA GLY D 7 -9.21 14.75 -5.61
C GLY D 7 -8.78 15.43 -6.87
N PRO D 8 -7.77 16.29 -6.76
CA PRO D 8 -7.14 16.93 -7.92
C PRO D 8 -6.41 15.92 -8.78
N HIS D 9 -6.09 16.35 -10.00
CA HIS D 9 -5.21 15.59 -10.87
C HIS D 9 -3.96 16.41 -11.12
N ILE D 10 -2.82 15.85 -10.80
CA ILE D 10 -1.57 16.53 -11.07
C ILE D 10 -1.22 16.37 -12.52
N ALA D 11 -1.20 17.51 -13.20
CA ALA D 11 -0.83 17.58 -14.61
C ALA D 11 0.66 17.40 -14.86
N TYR D 12 1.50 18.06 -14.08
CA TYR D 12 2.93 17.89 -14.24
C TYR D 12 3.70 18.29 -13.00
N THR D 13 4.91 17.72 -12.88
CA THR D 13 5.87 18.09 -11.84
C THR D 13 7.19 18.32 -12.53
N GLU D 14 7.85 19.42 -12.19
CA GLU D 14 9.12 19.74 -12.83
C GLU D 14 10.06 20.41 -11.84
N ALA D 15 11.29 19.95 -11.77
CA ALA D 15 12.29 20.62 -10.94
C ALA D 15 12.55 22.03 -11.41
N VAL D 16 12.66 22.94 -10.45
CA VAL D 16 13.09 24.29 -10.79
C VAL D 16 14.52 24.56 -10.29
N SER D 17 15.00 23.79 -9.30
CA SER D 17 16.36 23.98 -8.79
C SER D 17 16.81 22.70 -8.13
N ASP D 18 17.96 22.74 -7.49
CA ASP D 18 18.38 21.59 -6.70
C ASP D 18 17.59 21.39 -5.39
N THR D 19 16.72 22.34 -5.04
CA THR D 19 15.96 22.21 -3.77
C THR D 19 14.46 22.40 -3.94
N GLN D 20 13.99 22.56 -5.18
CA GLN D 20 12.61 22.96 -5.44
C GLN D 20 11.99 22.26 -6.64
N ILE D 21 10.71 21.87 -6.46
CA ILE D 21 9.92 21.22 -7.49
C ILE D 21 8.58 21.93 -7.65
N MET D 22 8.23 22.24 -8.89
CA MET D 22 6.96 22.86 -9.22
C MET D 22 5.93 21.79 -9.56
N LEU D 23 4.71 21.91 -9.03
CA LEU D 23 3.65 21.04 -9.51
C LEU D 23 2.45 21.89 -9.90
N LYS D 24 1.71 21.40 -10.87
CA LYS D 24 0.53 22.11 -11.33
C LYS D 24 -0.57 21.06 -11.44
N TRP D 25 -1.75 21.40 -10.94
CA TRP D 25 -2.84 20.44 -10.96
C TRP D 25 -4.10 21.07 -11.53
N THR D 26 -5.06 20.22 -11.84
CA THR D 26 -6.36 20.70 -12.21
C THR D 26 -7.35 20.17 -11.16
N TYR D 27 -8.26 21.04 -10.76
CA TYR D 27 -9.33 20.66 -9.86
C TYR D 27 -10.58 21.37 -10.35
N ILE D 28 -11.60 20.57 -10.70
CA ILE D 28 -12.86 21.11 -11.20
C ILE D 28 -13.90 21.08 -10.06
N PRO D 29 -14.29 22.25 -9.55
CA PRO D 29 -15.16 22.34 -8.38
C PRO D 29 -16.47 21.57 -8.56
N SER D 30 -17.04 21.56 -9.76
CA SER D 30 -18.25 20.77 -9.99
C SER D 30 -18.06 19.29 -9.64
N SER D 31 -16.80 18.83 -9.61
CA SER D 31 -16.51 17.42 -9.38
C SER D 31 -16.99 16.99 -7.99
N ASN D 32 -17.05 17.94 -7.08
CA ASN D 32 -17.60 17.70 -5.73
C ASN D 32 -18.80 18.61 -5.44
N ASN D 33 -19.63 18.79 -6.46
CA ASN D 33 -20.84 19.58 -6.33
C ASN D 33 -20.56 20.99 -5.86
N ASN D 34 -19.43 21.53 -6.31
CA ASN D 34 -19.06 22.90 -5.93
C ASN D 34 -19.05 23.11 -4.41
N THR D 35 -18.75 22.05 -3.67
CA THR D 35 -18.53 22.23 -2.25
C THR D 35 -17.36 23.20 -2.09
N PRO D 36 -17.42 24.09 -1.09
CA PRO D 36 -16.31 25.02 -0.93
C PRO D 36 -15.04 24.23 -0.57
N ILE D 37 -13.89 24.71 -1.05
CA ILE D 37 -12.60 24.06 -0.81
C ILE D 37 -11.75 25.05 -0.05
N GLN D 38 -11.28 24.63 1.12
CA GLN D 38 -10.43 25.46 1.96
C GLN D 38 -9.00 25.48 1.44
N GLY D 39 -8.56 24.36 0.88
CA GLY D 39 -7.23 24.33 0.31
C GLY D 39 -6.85 22.95 -0.17
N PHE D 40 -5.55 22.77 -0.39
CA PHE D 40 -5.00 21.49 -0.80
C PHE D 40 -3.86 21.08 0.12
N TYR D 41 -3.67 19.77 0.27
CA TYR D 41 -2.53 19.24 0.97
C TYR D 41 -1.64 18.59 -0.08
N ILE D 42 -0.38 19.00 -0.09
CA ILE D 42 0.60 18.47 -1.03
C ILE D 42 1.63 17.64 -0.28
N TYR D 43 1.75 16.37 -0.65
CA TYR D 43 2.57 15.40 0.05
C TYR D 43 3.78 15.04 -0.79
N TYR D 44 4.92 14.94 -0.12
CA TYR D 44 6.12 14.52 -0.84
C TYR D 44 7.04 13.70 0.04
N ARG D 45 7.67 12.72 -0.57
CA ARG D 45 8.51 11.75 0.13
C ARG D 45 9.64 11.37 -0.79
N PRO D 46 10.84 11.14 -0.25
CA PRO D 46 11.87 10.60 -1.14
C PRO D 46 11.45 9.27 -1.75
N THR D 47 11.66 9.14 -3.05
CA THR D 47 11.30 7.95 -3.80
C THR D 47 11.97 6.66 -3.23
N ASP D 48 13.15 6.80 -2.62
CA ASP D 48 13.75 5.64 -1.97
C ASP D 48 12.94 5.05 -0.82
N SER D 49 12.00 5.81 -0.27
CA SER D 49 11.12 5.28 0.78
C SER D 49 9.80 4.72 0.19
N ASP D 50 9.42 3.53 0.65
CA ASP D 50 8.12 2.93 0.34
C ASP D 50 7.19 2.92 1.57
N ASN D 51 7.55 3.70 2.59
CA ASN D 51 6.74 3.87 3.81
C ASN D 51 5.78 5.05 3.64
N ASP D 52 4.50 4.76 3.50
CA ASP D 52 3.49 5.80 3.25
C ASP D 52 3.32 6.75 4.43
N SER D 53 3.92 6.43 5.58
CA SER D 53 3.98 7.39 6.68
C SER D 53 5.09 8.41 6.55
N ASP D 54 5.95 8.29 5.54
CA ASP D 54 7.12 9.17 5.41
C ASP D 54 6.87 10.41 4.51
N TYR D 55 5.62 10.65 4.11
CA TYR D 55 5.33 11.88 3.35
C TYR D 55 5.33 13.09 4.27
N LYS D 56 5.97 14.15 3.81
CA LYS D 56 5.84 15.46 4.45
C LYS D 56 4.70 16.21 3.76
N ARG D 57 4.06 17.16 4.44
CA ARG D 57 2.88 17.86 3.90
C ARG D 57 3.01 19.38 3.87
N ASP D 58 2.71 20.01 2.73
CA ASP D 58 2.49 21.44 2.62
C ASP D 58 1.01 21.75 2.47
N VAL D 59 0.58 22.85 3.10
CA VAL D 59 -0.81 23.29 3.01
C VAL D 59 -0.89 24.49 2.07
N VAL D 60 -1.77 24.42 1.09
CA VAL D 60 -1.90 25.48 0.13
C VAL D 60 -3.34 26.01 0.13
N GLU D 61 -3.50 27.31 -0.13
CA GLU D 61 -4.83 27.91 -0.25
C GLU D 61 -5.69 27.35 -1.40
N GLY D 62 -7.01 27.38 -1.21
CA GLY D 62 -7.95 26.76 -2.12
C GLY D 62 -8.08 27.34 -3.52
N SER D 63 -7.50 28.51 -3.75
CA SER D 63 -7.59 29.18 -5.05
C SER D 63 -6.43 28.82 -5.97
N LYS D 64 -5.37 28.24 -5.42
CA LYS D 64 -4.16 27.99 -6.18
C LYS D 64 -4.33 26.79 -7.07
N GLN D 65 -3.68 26.80 -8.23
CA GLN D 65 -3.63 25.59 -9.04
C GLN D 65 -2.21 25.13 -9.32
N TRP D 66 -1.24 25.75 -8.66
CA TRP D 66 0.14 25.28 -8.68
C TRP D 66 0.80 25.58 -7.34
N HIS D 67 1.93 24.93 -7.10
CA HIS D 67 2.72 25.15 -5.90
C HIS D 67 4.18 24.75 -6.11
N MET D 68 5.08 25.48 -5.47
N MET D 68 5.08 25.48 -5.44
CA MET D 68 6.49 25.10 -5.47
CA MET D 68 6.49 25.15 -5.42
C MET D 68 6.85 24.50 -4.12
C MET D 68 6.83 24.49 -4.09
N ILE D 69 7.24 23.23 -4.12
CA ILE D 69 7.76 22.57 -2.92
C ILE D 69 9.22 23.00 -2.82
N GLY D 70 9.65 23.41 -1.63
CA GLY D 70 11.04 23.80 -1.44
C GLY D 70 11.68 23.05 -0.30
N HIS D 71 12.92 23.44 0.02
CA HIS D 71 13.71 22.79 1.08
C HIS D 71 13.90 21.30 0.84
N LEU D 72 14.09 20.94 -0.43
CA LEU D 72 14.32 19.54 -0.78
C LEU D 72 15.82 19.31 -0.89
N GLN D 73 16.21 18.04 -1.03
CA GLN D 73 17.62 17.69 -1.15
C GLN D 73 18.04 17.67 -2.63
N PRO D 74 19.25 18.10 -2.92
CA PRO D 74 19.72 18.06 -4.32
C PRO D 74 19.74 16.66 -4.93
N GLU D 75 19.55 16.61 -6.26
CA GLU D 75 19.63 15.36 -7.01
C GLU D 75 18.92 14.22 -6.34
N THR D 76 17.69 14.45 -5.92
CA THR D 76 16.91 13.47 -5.17
C THR D 76 15.52 13.32 -5.75
N SER D 77 15.08 12.07 -5.93
CA SER D 77 13.74 11.77 -6.46
C SER D 77 12.73 11.81 -5.33
N TYR D 78 11.59 12.43 -5.62
CA TYR D 78 10.44 12.49 -4.73
C TYR D 78 9.20 11.93 -5.38
N ASP D 79 8.37 11.32 -4.54
CA ASP D 79 7.02 10.88 -4.86
C ASP D 79 6.15 12.04 -4.37
N ILE D 80 5.19 12.45 -5.20
CA ILE D 80 4.38 13.64 -4.92
C ILE D 80 2.92 13.32 -5.22
N LYS D 81 2.03 13.59 -4.26
CA LYS D 81 0.60 13.38 -4.46
C LYS D 81 -0.17 14.38 -3.61
N MET D 82 -1.46 14.53 -3.81
CA MET D 82 -2.13 15.63 -3.13
C MET D 82 -3.59 15.34 -2.87
N GLN D 83 -4.18 16.12 -1.97
CA GLN D 83 -5.62 16.05 -1.70
C GLN D 83 -6.19 17.46 -1.70
N CYS D 84 -7.50 17.57 -1.82
CA CYS D 84 -8.16 18.82 -1.49
C CYS D 84 -8.92 18.60 -0.21
N PHE D 85 -9.24 19.68 0.49
CA PHE D 85 -9.97 19.57 1.75
C PHE D 85 -10.86 20.78 2.06
N ASN D 86 -11.78 20.55 2.99
CA ASN D 86 -12.58 21.62 3.57
C ASN D 86 -12.92 21.21 5.01
N GLU D 87 -13.82 21.91 5.68
CA GLU D 87 -14.13 21.57 7.08
C GLU D 87 -14.67 20.15 7.26
N GLY D 88 -15.36 19.66 6.25
CA GLY D 88 -15.91 18.31 6.28
C GLY D 88 -14.87 17.21 6.26
N GLY D 89 -13.73 17.45 5.60
CA GLY D 89 -12.75 16.41 5.43
C GLY D 89 -11.91 16.56 4.17
N GLU D 90 -11.30 15.45 3.76
CA GLU D 90 -10.28 15.43 2.73
C GLU D 90 -10.73 14.50 1.61
N SER D 91 -10.29 14.82 0.39
CA SER D 91 -10.50 13.90 -0.72
C SER D 91 -9.56 12.71 -0.72
N GLU D 92 -9.82 11.77 -1.65
CA GLU D 92 -8.87 10.71 -1.93
C GLU D 92 -7.64 11.37 -2.54
N PHE D 93 -6.55 10.62 -2.61
CA PHE D 93 -5.33 11.18 -3.21
C PHE D 93 -5.44 11.27 -4.71
N SER D 94 -4.72 12.26 -5.23
CA SER D 94 -4.44 12.39 -6.64
C SER D 94 -3.57 11.23 -7.16
N ASN D 95 -3.36 11.24 -8.46
CA ASN D 95 -2.27 10.48 -9.04
C ASN D 95 -0.96 10.80 -8.35
N VAL D 96 -0.02 9.89 -8.43
CA VAL D 96 1.27 10.01 -7.76
C VAL D 96 2.38 10.21 -8.82
N MET D 97 3.01 11.37 -8.72
CA MET D 97 4.05 11.75 -9.63
C MET D 97 5.41 11.42 -9.04
N ILE D 98 6.41 11.19 -9.89
CA ILE D 98 7.77 11.00 -9.44
C ILE D 98 8.63 12.05 -10.13
N CYS D 99 9.40 12.79 -9.33
CA CYS D 99 10.15 13.93 -9.85
C CYS D 99 11.42 14.17 -9.01
N GLU D 100 12.53 14.43 -9.71
CA GLU D 100 13.83 14.66 -9.10
C GLU D 100 14.18 16.12 -9.11
N THR D 101 14.76 16.60 -8.01
CA THR D 101 15.42 17.90 -8.05
C THR D 101 16.67 17.84 -8.93
N LYS D 102 17.17 19.02 -9.29
CA LYS D 102 18.37 19.11 -10.11
C LYS D 102 19.60 18.75 -9.29
#